data_4OQ3
#
_entry.id   4OQ3
#
_cell.length_a   33.814
_cell.length_b   165.528
_cell.length_c   34.236
_cell.angle_alpha   90.000
_cell.angle_beta   95.060
_cell.angle_gamma   90.000
#
_symmetry.space_group_name_H-M   'P 1 21 1'
#
loop_
_entity.id
_entity.type
_entity.pdbx_description
1 polymer 'E3 ubiquitin-protein ligase Mdm2'
2 non-polymer '1-(5-chloro-2-methylphenyl)-5-(3-chlorophenyl)-2-(3-methylphenyl)-1H-imidazole-4-carboxylic acid'
3 water water
#
_entity_poly.entity_id   1
_entity_poly.type   'polypeptide(L)'
_entity_poly.pdbx_seq_one_letter_code
;GSQIPASEQETLVRPKPELLKLLKSVGAQKDTYTMKEVLFYLGQYIMTKRLYDEKQQHIVYCSNDLLGDLFGVPSFSVKE
HRKIYTMIYRNLVVVN
;
_entity_poly.pdbx_strand_id   A,B,C,D
#
loop_
_chem_comp.id
_chem_comp.type
_chem_comp.name
_chem_comp.formula
2V8 non-polymer '1-(5-chloro-2-methylphenyl)-5-(3-chlorophenyl)-2-(3-methylphenyl)-1H-imidazole-4-carboxylic acid' 'C24 H18 Cl2 N2 O2'
#
# COMPACT_ATOMS: atom_id res chain seq x y z
N GLN A 3 -2.64 0.14 -23.10
CA GLN A 3 -1.61 -0.86 -22.67
C GLN A 3 -2.06 -2.31 -22.92
N ILE A 4 -2.93 -2.82 -22.06
CA ILE A 4 -3.59 -4.13 -22.25
C ILE A 4 -4.41 -4.04 -23.53
N PRO A 5 -4.41 -5.13 -24.35
CA PRO A 5 -5.22 -5.16 -25.59
C PRO A 5 -6.70 -4.96 -25.32
N ALA A 6 -7.38 -4.32 -26.27
CA ALA A 6 -8.77 -3.91 -26.14
C ALA A 6 -9.75 -5.07 -26.03
N SER A 7 -9.47 -6.17 -26.75
CA SER A 7 -10.30 -7.38 -26.68
C SER A 7 -10.25 -8.03 -25.29
N GLU A 8 -9.07 -8.02 -24.67
CA GLU A 8 -8.95 -8.42 -23.27
C GLU A 8 -9.71 -7.46 -22.36
N GLN A 9 -9.58 -6.16 -22.62
CA GLN A 9 -10.37 -5.15 -21.92
C GLN A 9 -11.90 -5.39 -22.01
N GLU A 10 -12.35 -5.94 -23.14
CA GLU A 10 -13.77 -6.18 -23.44
C GLU A 10 -14.35 -7.52 -22.94
N THR A 11 -13.49 -8.39 -22.40
CA THR A 11 -13.94 -9.67 -21.85
C THR A 11 -15.17 -9.50 -20.93
N LEU A 12 -16.23 -10.25 -21.19
CA LEU A 12 -17.37 -10.33 -20.29
C LEU A 12 -17.01 -11.22 -19.13
N VAL A 13 -17.24 -10.74 -17.91
CA VAL A 13 -16.82 -11.47 -16.71
C VAL A 13 -17.86 -11.49 -15.60
N ARG A 14 -17.86 -12.59 -14.84
CA ARG A 14 -18.71 -12.73 -13.69
C ARG A 14 -17.86 -12.83 -12.42
N PRO A 15 -17.84 -11.76 -11.61
CA PRO A 15 -17.12 -11.71 -10.34
C PRO A 15 -17.55 -12.79 -9.35
N LYS A 16 -16.57 -13.36 -8.66
CA LYS A 16 -16.84 -14.23 -7.53
C LYS A 16 -17.32 -13.36 -6.35
N PRO A 17 -17.92 -13.97 -5.31
CA PRO A 17 -18.70 -13.20 -4.31
C PRO A 17 -17.97 -12.02 -3.66
N GLU A 18 -16.68 -12.19 -3.34
CA GLU A 18 -15.97 -11.14 -2.62
C GLU A 18 -15.66 -9.89 -3.47
N LEU A 19 -15.27 -10.09 -4.72
CA LEU A 19 -15.11 -8.98 -5.67
C LEU A 19 -16.46 -8.31 -5.98
N LEU A 20 -17.50 -9.11 -6.24
CA LEU A 20 -18.85 -8.56 -6.42
C LEU A 20 -19.21 -7.63 -5.25
N LYS A 21 -18.92 -8.08 -4.04
CA LYS A 21 -19.20 -7.31 -2.82
C LYS A 21 -18.49 -5.94 -2.79
N LEU A 22 -17.22 -5.89 -3.15
CA LEU A 22 -16.50 -4.62 -3.28
C LEU A 22 -17.06 -3.75 -4.40
N LEU A 23 -17.40 -4.39 -5.53
CA LEU A 23 -18.00 -3.67 -6.65
C LEU A 23 -19.30 -2.98 -6.25
N LYS A 24 -20.12 -3.72 -5.52
CA LYS A 24 -21.45 -3.24 -5.11
C LYS A 24 -21.43 -2.20 -3.99
N SER A 25 -20.30 -2.04 -3.31
CA SER A 25 -20.20 -1.01 -2.28
C SER A 25 -19.80 0.35 -2.86
N VAL A 26 -19.43 0.36 -4.15
CA VAL A 26 -19.09 1.59 -4.86
C VAL A 26 -20.07 1.93 -6.01
N GLY A 27 -21.27 1.39 -5.93
CA GLY A 27 -22.35 1.75 -6.86
C GLY A 27 -22.69 0.72 -7.92
N ALA A 28 -21.99 -0.42 -7.96
CA ALA A 28 -22.25 -1.45 -8.98
C ALA A 28 -23.61 -2.11 -8.79
N GLN A 29 -24.28 -2.41 -9.89
CA GLN A 29 -25.68 -2.85 -9.84
C GLN A 29 -26.02 -4.06 -10.70
N LYS A 30 -24.98 -4.79 -11.13
CA LYS A 30 -25.15 -5.93 -12.04
C LYS A 30 -24.37 -7.15 -11.57
N ASP A 31 -24.59 -8.29 -12.24
CA ASP A 31 -23.88 -9.53 -11.94
C ASP A 31 -22.79 -9.81 -12.96
N THR A 32 -22.88 -9.14 -14.10
CA THR A 32 -22.03 -9.39 -15.27
C THR A 32 -21.40 -8.08 -15.71
N TYR A 33 -20.10 -8.12 -15.99
CA TYR A 33 -19.33 -6.92 -16.30
C TYR A 33 -18.27 -7.19 -17.37
N THR A 34 -17.83 -6.14 -18.07
CA THR A 34 -16.60 -6.19 -18.85
C THR A 34 -15.42 -5.87 -17.93
N MET A 35 -14.22 -6.29 -18.32
CA MET A 35 -13.00 -6.04 -17.54
C MET A 35 -12.83 -4.54 -17.25
N LYS A 36 -13.27 -3.74 -18.22
CA LYS A 36 -13.28 -2.28 -18.17
C LYS A 36 -14.14 -1.74 -17.02
N GLU A 37 -15.35 -2.29 -16.86
CA GLU A 37 -16.26 -1.86 -15.79
C GLU A 37 -15.73 -2.29 -14.44
N VAL A 38 -15.15 -3.48 -14.35
CA VAL A 38 -14.51 -3.94 -13.12
C VAL A 38 -13.46 -2.92 -12.68
N LEU A 39 -12.60 -2.51 -13.62
CA LEU A 39 -11.51 -1.55 -13.37
C LEU A 39 -12.00 -0.18 -12.91
N PHE A 40 -13.00 0.35 -13.59
CA PHE A 40 -13.60 1.60 -13.16
C PHE A 40 -14.02 1.51 -11.68
N TYR A 41 -14.79 0.48 -11.34
CA TYR A 41 -15.32 0.36 -9.98
C TYR A 41 -14.26 0.14 -8.93
N LEU A 42 -13.21 -0.63 -9.25
CA LEU A 42 -12.08 -0.83 -8.34
C LEU A 42 -11.35 0.48 -8.13
N GLY A 43 -11.26 1.27 -9.19
CA GLY A 43 -10.64 2.59 -9.12
C GLY A 43 -11.43 3.55 -8.27
N GLN A 44 -12.76 3.43 -8.33
CA GLN A 44 -13.64 4.25 -7.51
C GLN A 44 -13.55 3.89 -6.03
N TYR A 45 -13.39 2.60 -5.74
CA TYR A 45 -13.11 2.08 -4.41
C TYR A 45 -11.82 2.69 -3.83
N ILE A 46 -10.74 2.63 -4.61
CA ILE A 46 -9.43 3.15 -4.23
C ILE A 46 -9.45 4.65 -3.94
N MET A 47 -10.27 5.39 -4.69
CA MET A 47 -10.43 6.84 -4.50
C MET A 47 -11.25 7.17 -3.26
N THR A 48 -12.34 6.43 -3.08
CA THR A 48 -13.26 6.61 -1.97
C THR A 48 -12.59 6.31 -0.64
N LYS A 49 -11.82 5.23 -0.61
CA LYS A 49 -11.17 4.79 0.62
C LYS A 49 -9.80 5.42 0.83
N ARG A 50 -9.33 6.20 -0.14
CA ARG A 50 -8.03 6.89 -0.09
C ARG A 50 -6.90 5.92 0.19
N LEU A 51 -6.77 4.89 -0.64
CA LEU A 51 -5.78 3.86 -0.40
C LEU A 51 -4.40 4.19 -0.99
N TYR A 52 -4.27 5.37 -1.57
CA TYR A 52 -3.03 5.73 -2.26
C TYR A 52 -2.06 6.56 -1.41
N ASP A 53 -0.77 6.44 -1.72
CA ASP A 53 0.26 7.21 -1.07
C ASP A 53 0.17 8.67 -1.44
N GLU A 54 0.11 9.53 -0.41
CA GLU A 54 -0.03 10.97 -0.61
C GLU A 54 1.09 11.60 -1.48
N LYS A 55 2.33 11.19 -1.25
CA LYS A 55 3.49 11.66 -2.02
C LYS A 55 3.55 11.05 -3.43
N GLN A 56 3.63 9.73 -3.50
CA GLN A 56 3.64 9.02 -4.78
C GLN A 56 2.29 8.35 -4.99
N GLN A 57 1.44 8.97 -5.81
CA GLN A 57 0.03 8.63 -5.80
C GLN A 57 -0.35 7.49 -6.74
N HIS A 58 0.66 6.90 -7.37
CA HIS A 58 0.48 5.67 -8.16
C HIS A 58 0.71 4.44 -7.30
N ILE A 59 1.15 4.64 -6.06
CA ILE A 59 1.33 3.55 -5.10
C ILE A 59 0.08 3.43 -4.24
N VAL A 60 -0.42 2.19 -4.11
CA VAL A 60 -1.64 1.91 -3.33
C VAL A 60 -1.29 1.02 -2.15
N TYR A 61 -1.89 1.29 -1.00
CA TYR A 61 -1.76 0.41 0.16
C TYR A 61 -3.08 -0.25 0.49
N CYS A 62 -3.11 -1.57 0.50
CA CYS A 62 -4.37 -2.30 0.61
C CYS A 62 -4.40 -3.47 1.62
N SER A 63 -3.40 -3.55 2.52
CA SER A 63 -3.38 -4.57 3.57
C SER A 63 -4.55 -4.37 4.56
N ASN A 64 -4.89 -5.42 5.29
CA ASN A 64 -6.07 -5.45 6.16
C ASN A 64 -7.30 -4.80 5.50
N ASP A 65 -7.52 -5.16 4.23
CA ASP A 65 -8.60 -4.54 3.46
C ASP A 65 -9.12 -5.53 2.43
N LEU A 66 -10.39 -5.40 2.07
CA LEU A 66 -11.01 -6.26 1.09
C LEU A 66 -10.15 -6.35 -0.17
N LEU A 67 -9.69 -5.21 -0.68
CA LEU A 67 -8.77 -5.21 -1.81
C LEU A 67 -7.55 -6.09 -1.56
N GLY A 68 -6.94 -5.95 -0.39
CA GLY A 68 -5.84 -6.82 0.03
C GLY A 68 -6.18 -8.31 -0.01
N ASP A 69 -7.35 -8.66 0.53
CA ASP A 69 -7.89 -10.03 0.48
C ASP A 69 -7.99 -10.55 -0.95
N LEU A 70 -8.49 -9.70 -1.86
CA LEU A 70 -8.66 -10.06 -3.26
C LEU A 70 -7.33 -10.19 -4.01
N PHE A 71 -6.48 -9.19 -3.87
CA PHE A 71 -5.24 -9.11 -4.63
C PHE A 71 -4.09 -9.99 -4.13
N GLY A 72 -4.00 -10.17 -2.81
CA GLY A 72 -2.94 -11.00 -2.23
C GLY A 72 -1.60 -10.29 -2.04
N VAL A 73 -1.62 -8.97 -2.19
CA VAL A 73 -0.44 -8.13 -1.94
C VAL A 73 -0.83 -6.93 -1.07
N PRO A 74 0.12 -6.42 -0.25
CA PRO A 74 -0.11 -5.28 0.65
C PRO A 74 -0.01 -3.89 -0.01
N SER A 75 0.70 -3.83 -1.14
CA SER A 75 0.91 -2.61 -1.89
C SER A 75 1.26 -2.95 -3.34
N PHE A 76 1.06 -1.99 -4.23
CA PHE A 76 1.40 -2.14 -5.65
C PHE A 76 1.30 -0.79 -6.35
N SER A 77 2.03 -0.68 -7.47
CA SER A 77 1.90 0.46 -8.35
C SER A 77 0.74 0.25 -9.32
N VAL A 78 -0.05 1.31 -9.52
CA VAL A 78 -1.21 1.28 -10.41
C VAL A 78 -0.85 1.27 -11.91
N LYS A 79 0.45 1.35 -12.22
CA LYS A 79 0.96 1.41 -13.57
C LYS A 79 1.24 0.03 -14.15
N GLU A 80 1.34 -0.96 -13.27
CA GLU A 80 1.67 -2.32 -13.68
C GLU A 80 0.39 -3.07 -13.97
N HIS A 81 -0.13 -2.82 -15.17
CA HIS A 81 -1.48 -3.22 -15.55
C HIS A 81 -1.64 -4.73 -15.66
N ARG A 82 -0.63 -5.39 -16.23
CA ARG A 82 -0.62 -6.82 -16.39
C ARG A 82 -0.65 -7.53 -15.05
N LYS A 83 -0.01 -6.94 -14.03
CA LYS A 83 0.03 -7.49 -12.67
C LYS A 83 -1.35 -7.33 -12.01
N ILE A 84 -2.01 -6.23 -12.32
CA ILE A 84 -3.33 -5.94 -11.80
C ILE A 84 -4.37 -6.86 -12.42
N TYR A 85 -4.31 -7.01 -13.74
CA TYR A 85 -5.16 -7.96 -14.46
C TYR A 85 -5.04 -9.39 -13.94
N THR A 86 -3.81 -9.82 -13.66
CA THR A 86 -3.54 -11.15 -13.11
C THR A 86 -4.21 -11.31 -11.73
N MET A 87 -4.03 -10.30 -10.86
CA MET A 87 -4.67 -10.22 -9.56
C MET A 87 -6.22 -10.18 -9.62
N ILE A 88 -6.77 -9.53 -10.65
CA ILE A 88 -8.22 -9.51 -10.88
C ILE A 88 -8.76 -10.87 -11.33
N TYR A 89 -8.12 -11.49 -12.32
CA TYR A 89 -8.58 -12.76 -12.88
C TYR A 89 -8.82 -13.87 -11.86
N ARG A 90 -8.07 -13.85 -10.76
CA ARG A 90 -8.24 -14.84 -9.70
C ARG A 90 -9.63 -14.80 -9.07
N ASN A 91 -10.28 -13.64 -9.18
CA ASN A 91 -11.50 -13.32 -8.44
C ASN A 91 -12.73 -13.29 -9.34
N LEU A 92 -12.65 -13.89 -10.52
CA LEU A 92 -13.82 -13.97 -11.39
C LEU A 92 -13.88 -15.19 -12.29
N VAL A 93 -14.97 -15.26 -13.04
CA VAL A 93 -15.22 -16.30 -14.03
C VAL A 93 -15.46 -15.58 -15.36
N VAL A 94 -14.64 -15.91 -16.35
CA VAL A 94 -14.79 -15.40 -17.71
C VAL A 94 -15.99 -16.08 -18.37
N VAL A 95 -16.84 -15.26 -18.98
CA VAL A 95 -18.11 -15.69 -19.56
C VAL A 95 -18.04 -15.79 -21.09
N GLN B 3 1.31 -10.70 -35.32
CA GLN B 3 0.05 -10.15 -34.70
C GLN B 3 0.31 -9.70 -33.26
N ILE B 4 1.26 -10.38 -32.63
CA ILE B 4 1.72 -10.12 -31.26
C ILE B 4 3.07 -9.43 -31.35
N PRO B 5 3.24 -8.27 -30.65
CA PRO B 5 4.50 -7.53 -30.72
C PRO B 5 5.65 -8.35 -30.12
N ALA B 6 6.79 -8.33 -30.81
CA ALA B 6 7.92 -9.20 -30.47
C ALA B 6 8.33 -9.16 -29.00
N SER B 7 8.24 -7.98 -28.37
CA SER B 7 8.61 -7.83 -26.96
C SER B 7 7.64 -8.48 -25.97
N GLU B 8 6.35 -8.52 -26.30
CA GLU B 8 5.35 -9.14 -25.42
C GLU B 8 5.70 -10.60 -25.16
N GLN B 9 6.31 -11.24 -26.15
CA GLN B 9 6.80 -12.61 -26.03
C GLN B 9 7.77 -12.78 -24.85
N GLU B 10 8.50 -11.72 -24.48
CA GLU B 10 9.50 -11.76 -23.38
C GLU B 10 8.89 -11.57 -21.99
N THR B 11 7.57 -11.40 -21.91
CA THR B 11 6.92 -11.16 -20.63
C THR B 11 7.14 -12.33 -19.67
N LEU B 12 7.63 -12.02 -18.48
CA LEU B 12 7.84 -13.02 -17.42
C LEU B 12 6.54 -13.32 -16.64
N VAL B 13 6.11 -14.59 -16.66
CA VAL B 13 4.83 -15.00 -16.05
C VAL B 13 4.96 -16.16 -15.06
N ARG B 14 4.04 -16.22 -14.09
CA ARG B 14 3.97 -17.36 -13.15
C ARG B 14 2.65 -18.12 -13.33
N PRO B 15 2.70 -19.29 -13.98
CA PRO B 15 1.50 -20.09 -14.22
C PRO B 15 0.85 -20.53 -12.91
N LYS B 16 -0.48 -20.67 -12.93
CA LYS B 16 -1.21 -21.22 -11.81
C LYS B 16 -1.03 -22.74 -11.80
N PRO B 17 -1.40 -23.42 -10.68
CA PRO B 17 -1.18 -24.87 -10.56
C PRO B 17 -1.54 -25.72 -11.80
N GLU B 18 -2.73 -25.53 -12.37
CA GLU B 18 -3.18 -26.35 -13.52
C GLU B 18 -2.45 -26.09 -14.84
N LEU B 19 -2.15 -24.83 -15.16
CA LEU B 19 -1.26 -24.52 -16.29
C LEU B 19 0.16 -25.05 -16.04
N LEU B 20 0.66 -24.88 -14.81
CA LEU B 20 1.96 -25.45 -14.43
C LEU B 20 1.99 -26.98 -14.56
N LYS B 21 0.87 -27.63 -14.29
CA LYS B 21 0.75 -29.07 -14.46
C LYS B 21 0.94 -29.48 -15.92
N LEU B 22 0.31 -28.73 -16.83
CA LEU B 22 0.44 -28.97 -18.27
C LEU B 22 1.88 -28.82 -18.75
N LEU B 23 2.52 -27.71 -18.39
CA LEU B 23 3.87 -27.45 -18.90
C LEU B 23 4.84 -28.55 -18.44
N LYS B 24 4.72 -28.96 -17.18
CA LYS B 24 5.62 -29.98 -16.63
C LYS B 24 5.33 -31.39 -17.14
N SER B 25 4.17 -31.57 -17.80
CA SER B 25 3.85 -32.81 -18.50
C SER B 25 4.59 -32.92 -19.84
N VAL B 26 5.26 -31.85 -20.25
CA VAL B 26 6.11 -31.89 -21.46
C VAL B 26 7.56 -31.44 -21.20
N GLY B 27 8.03 -31.57 -19.98
CA GLY B 27 9.43 -31.36 -19.67
C GLY B 27 9.85 -30.12 -18.90
N ALA B 28 8.94 -29.17 -18.72
CA ALA B 28 9.25 -27.90 -18.03
C ALA B 28 9.65 -28.10 -16.56
N GLN B 29 10.59 -27.29 -16.08
CA GLN B 29 11.17 -27.48 -14.74
C GLN B 29 10.89 -26.33 -13.74
N LYS B 30 11.03 -25.10 -14.21
CA LYS B 30 10.88 -23.88 -13.40
C LYS B 30 9.44 -23.57 -12.95
N ASP B 31 9.29 -22.51 -12.15
CA ASP B 31 7.98 -22.02 -11.72
C ASP B 31 7.55 -20.76 -12.48
N THR B 32 8.53 -20.06 -13.06
CA THR B 32 8.31 -18.83 -13.84
C THR B 32 8.88 -18.97 -15.25
N TYR B 33 8.23 -18.32 -16.22
CA TYR B 33 8.64 -18.44 -17.62
C TYR B 33 8.37 -17.14 -18.35
N THR B 34 9.11 -16.90 -19.43
CA THR B 34 8.63 -15.93 -20.42
C THR B 34 7.48 -16.58 -21.17
N MET B 35 6.65 -15.75 -21.80
CA MET B 35 5.53 -16.21 -22.60
C MET B 35 6.03 -17.09 -23.75
N LYS B 36 7.14 -16.66 -24.35
CA LYS B 36 7.89 -17.40 -25.35
C LYS B 36 8.01 -18.89 -24.97
N GLU B 37 8.42 -19.13 -23.73
CA GLU B 37 8.68 -20.47 -23.21
C GLU B 37 7.37 -21.23 -22.96
N VAL B 38 6.39 -20.55 -22.37
CA VAL B 38 5.07 -21.13 -22.14
C VAL B 38 4.52 -21.69 -23.46
N LEU B 39 4.63 -20.88 -24.51
CA LEU B 39 4.08 -21.21 -25.82
C LEU B 39 4.78 -22.38 -26.47
N PHE B 40 6.11 -22.43 -26.35
CA PHE B 40 6.84 -23.58 -26.83
C PHE B 40 6.32 -24.88 -26.21
N TYR B 41 6.20 -24.91 -24.89
CA TYR B 41 5.71 -26.12 -24.21
C TYR B 41 4.25 -26.45 -24.56
N LEU B 42 3.41 -25.42 -24.69
CA LEU B 42 2.04 -25.59 -25.18
C LEU B 42 2.03 -26.25 -26.54
N GLY B 43 2.87 -25.76 -27.45
CA GLY B 43 3.01 -26.34 -28.79
C GLY B 43 3.33 -27.81 -28.72
N GLN B 44 4.33 -28.16 -27.92
CA GLN B 44 4.79 -29.54 -27.78
C GLN B 44 3.71 -30.48 -27.20
N TYR B 45 2.89 -29.96 -26.31
CA TYR B 45 1.76 -30.66 -25.72
C TYR B 45 0.76 -31.04 -26.80
N ILE B 46 0.42 -30.08 -27.64
CA ILE B 46 -0.52 -30.26 -28.74
C ILE B 46 -0.02 -31.29 -29.76
N MET B 47 1.28 -31.24 -30.02
CA MET B 47 1.92 -32.14 -30.96
C MET B 47 1.94 -33.56 -30.40
N THR B 48 2.42 -33.69 -29.16
CA THR B 48 2.56 -34.97 -28.45
C THR B 48 1.23 -35.73 -28.27
N LYS B 49 0.17 -35.02 -27.89
CA LYS B 49 -1.14 -35.65 -27.73
C LYS B 49 -1.92 -35.69 -29.05
N ARG B 50 -1.31 -35.17 -30.11
CA ARG B 50 -1.92 -35.09 -31.45
C ARG B 50 -3.33 -34.50 -31.37
N LEU B 51 -3.42 -33.23 -30.98
CA LEU B 51 -4.71 -32.57 -30.78
C LEU B 51 -5.23 -31.73 -31.95
N TYR B 52 -4.55 -31.80 -33.09
CA TYR B 52 -4.94 -31.01 -34.28
C TYR B 52 -5.78 -31.81 -35.27
N ASP B 53 -6.62 -31.09 -36.03
CA ASP B 53 -7.35 -31.65 -37.15
C ASP B 53 -6.37 -32.09 -38.24
N GLU B 54 -6.54 -33.30 -38.75
CA GLU B 54 -5.65 -33.81 -39.79
C GLU B 54 -5.81 -33.09 -41.14
N LYS B 55 -7.03 -32.68 -41.46
CA LYS B 55 -7.25 -31.91 -42.67
C LYS B 55 -6.76 -30.47 -42.53
N GLN B 56 -7.46 -29.65 -41.75
CA GLN B 56 -7.06 -28.25 -41.51
C GLN B 56 -6.28 -28.15 -40.20
N GLN B 57 -4.96 -28.27 -40.32
CA GLN B 57 -4.09 -28.54 -39.17
C GLN B 57 -3.84 -27.36 -38.23
N HIS B 58 -4.34 -26.18 -38.58
CA HIS B 58 -4.32 -25.04 -37.65
C HIS B 58 -5.43 -25.13 -36.59
N ILE B 59 -6.28 -26.15 -36.70
CA ILE B 59 -7.43 -26.32 -35.78
C ILE B 59 -7.18 -27.38 -34.72
N VAL B 60 -7.38 -27.00 -33.46
CA VAL B 60 -7.05 -27.80 -32.30
C VAL B 60 -8.32 -28.24 -31.57
N TYR B 61 -8.38 -29.53 -31.24
CA TYR B 61 -9.51 -30.07 -30.47
C TYR B 61 -9.05 -30.44 -29.07
N CYS B 62 -9.60 -29.78 -28.08
CA CYS B 62 -9.11 -29.93 -26.71
C CYS B 62 -10.14 -30.28 -25.63
N SER B 63 -11.30 -30.79 -26.06
CA SER B 63 -12.36 -31.28 -25.15
C SER B 63 -11.87 -32.29 -24.12
N ASN B 64 -12.44 -32.21 -22.91
CA ASN B 64 -12.16 -33.18 -21.83
C ASN B 64 -10.66 -33.44 -21.65
N ASP B 65 -9.88 -32.39 -21.87
CA ASP B 65 -8.44 -32.44 -21.69
C ASP B 65 -8.09 -31.28 -20.79
N LEU B 66 -6.89 -31.34 -20.22
CA LEU B 66 -6.41 -30.28 -19.35
C LEU B 66 -6.35 -28.91 -20.08
N LEU B 67 -6.03 -28.94 -21.37
CA LEU B 67 -5.96 -27.70 -22.17
C LEU B 67 -7.33 -27.02 -22.32
N GLY B 68 -8.36 -27.80 -22.64
CA GLY B 68 -9.74 -27.30 -22.69
C GLY B 68 -10.22 -26.75 -21.36
N ASP B 69 -9.82 -27.43 -20.26
CA ASP B 69 -10.13 -27.02 -18.89
C ASP B 69 -9.52 -25.66 -18.54
N LEU B 70 -8.45 -25.29 -19.24
CA LEU B 70 -7.74 -24.03 -19.03
C LEU B 70 -8.16 -22.93 -20.01
N PHE B 71 -8.47 -23.35 -21.24
CA PHE B 71 -8.89 -22.41 -22.30
C PHE B 71 -10.40 -22.14 -22.33
N GLY B 72 -11.20 -23.03 -21.74
CA GLY B 72 -12.67 -22.86 -21.67
C GLY B 72 -13.42 -23.01 -22.99
N VAL B 73 -12.78 -23.65 -23.97
CA VAL B 73 -13.37 -23.97 -25.29
C VAL B 73 -12.98 -25.39 -25.75
N PRO B 74 -13.82 -26.04 -26.59
CA PRO B 74 -13.55 -27.39 -27.13
C PRO B 74 -12.62 -27.49 -28.34
N SER B 75 -12.42 -26.37 -29.03
CA SER B 75 -11.48 -26.29 -30.15
C SER B 75 -11.09 -24.85 -30.34
N PHE B 76 -9.98 -24.61 -31.03
CA PHE B 76 -9.62 -23.26 -31.44
C PHE B 76 -8.63 -23.31 -32.59
N SER B 77 -8.44 -22.16 -33.22
CA SER B 77 -7.45 -21.98 -34.26
C SER B 77 -6.13 -21.47 -33.66
N VAL B 78 -5.01 -22.10 -34.04
CA VAL B 78 -3.68 -21.63 -33.65
C VAL B 78 -3.28 -20.30 -34.30
N LYS B 79 -4.04 -19.84 -35.30
CA LYS B 79 -3.68 -18.63 -36.06
C LYS B 79 -4.05 -17.32 -35.37
N GLU B 80 -4.89 -17.39 -34.35
CA GLU B 80 -5.35 -16.19 -33.68
C GLU B 80 -4.60 -15.97 -32.38
N HIS B 81 -3.43 -15.35 -32.53
CA HIS B 81 -2.41 -15.31 -31.50
C HIS B 81 -2.85 -14.52 -30.29
N ARG B 82 -3.63 -13.45 -30.52
CA ARG B 82 -4.10 -12.64 -29.41
C ARG B 82 -4.96 -13.50 -28.51
N LYS B 83 -5.86 -14.29 -29.12
CA LYS B 83 -6.77 -15.16 -28.37
C LYS B 83 -6.01 -16.15 -27.49
N ILE B 84 -4.95 -16.75 -28.04
CA ILE B 84 -4.11 -17.71 -27.32
C ILE B 84 -3.36 -17.03 -26.16
N TYR B 85 -2.72 -15.91 -26.44
CA TYR B 85 -2.11 -15.06 -25.39
C TYR B 85 -3.09 -14.73 -24.25
N THR B 86 -4.24 -14.17 -24.61
CA THR B 86 -5.31 -13.88 -23.66
C THR B 86 -5.73 -15.08 -22.79
N MET B 87 -5.79 -16.27 -23.38
CA MET B 87 -6.20 -17.48 -22.64
C MET B 87 -5.14 -17.92 -21.62
N ILE B 88 -3.88 -17.65 -21.93
CA ILE B 88 -2.77 -17.90 -21.00
C ILE B 88 -2.77 -16.85 -19.86
N TYR B 89 -3.00 -15.60 -20.22
CA TYR B 89 -3.05 -14.48 -19.26
C TYR B 89 -4.10 -14.65 -18.15
N ARG B 90 -5.12 -15.44 -18.42
CA ARG B 90 -6.18 -15.67 -17.44
C ARG B 90 -5.82 -16.77 -16.46
N ASN B 91 -4.74 -17.50 -16.75
CA ASN B 91 -4.34 -18.67 -15.97
C ASN B 91 -3.01 -18.50 -15.22
N LEU B 92 -2.83 -17.31 -14.68
CA LEU B 92 -1.57 -16.94 -14.04
C LEU B 92 -1.75 -16.54 -12.58
N VAL B 93 -0.63 -16.47 -11.87
CA VAL B 93 -0.60 -16.16 -10.44
C VAL B 93 0.46 -15.10 -10.17
N GLN C 3 -5.66 9.91 7.67
CA GLN C 3 -5.89 9.92 9.14
C GLN C 3 -4.97 10.91 9.87
N ILE C 4 -3.68 10.87 9.55
CA ILE C 4 -2.72 11.87 10.03
C ILE C 4 -3.01 13.21 9.35
N PRO C 5 -3.04 14.30 10.15
CA PRO C 5 -3.35 15.63 9.60
C PRO C 5 -2.46 15.98 8.39
N ALA C 6 -3.10 16.49 7.34
CA ALA C 6 -2.43 16.82 6.09
C ALA C 6 -1.23 17.73 6.31
N SER C 7 -1.39 18.76 7.13
CA SER C 7 -0.30 19.71 7.41
C SER C 7 0.85 19.10 8.21
N GLU C 8 0.56 18.10 9.03
CA GLU C 8 1.58 17.34 9.73
C GLU C 8 2.38 16.48 8.75
N GLN C 9 1.72 16.00 7.70
CA GLN C 9 2.38 15.27 6.61
C GLN C 9 3.31 16.17 5.81
N GLU C 10 3.03 17.47 5.81
CA GLU C 10 3.81 18.47 5.07
C GLU C 10 5.08 18.91 5.81
N THR C 11 5.17 18.62 7.11
CA THR C 11 6.30 19.05 7.95
C THR C 11 7.66 18.71 7.33
N LEU C 12 8.50 19.73 7.15
CA LEU C 12 9.87 19.52 6.71
C LEU C 12 10.77 19.02 7.83
N VAL C 13 11.41 17.89 7.58
CA VAL C 13 12.19 17.19 8.59
C VAL C 13 13.59 16.87 8.08
N ARG C 14 14.53 16.77 9.02
CA ARG C 14 15.86 16.28 8.72
C ARG C 14 16.11 14.98 9.48
N PRO C 15 16.23 13.85 8.77
CA PRO C 15 16.56 12.58 9.40
C PRO C 15 17.94 12.55 10.09
N LYS C 16 18.02 11.84 11.22
CA LYS C 16 19.27 11.50 11.89
C LYS C 16 20.01 10.43 11.08
N PRO C 17 21.33 10.27 11.31
CA PRO C 17 22.22 9.45 10.46
C PRO C 17 21.65 8.09 10.00
N GLU C 18 21.09 7.33 10.94
CA GLU C 18 20.63 5.97 10.63
C GLU C 18 19.35 5.93 9.78
N LEU C 19 18.40 6.81 10.08
CA LEU C 19 17.21 6.94 9.23
C LEU C 19 17.57 7.39 7.82
N LEU C 20 18.42 8.40 7.70
CA LEU C 20 18.85 8.86 6.38
C LEU C 20 19.52 7.74 5.58
N LYS C 21 20.34 6.94 6.25
CA LYS C 21 20.95 5.76 5.66
C LYS C 21 19.92 4.82 5.02
N LEU C 22 18.79 4.60 5.70
CA LEU C 22 17.71 3.75 5.20
C LEU C 22 17.04 4.38 3.99
N LEU C 23 16.81 5.69 4.07
CA LEU C 23 16.16 6.42 2.98
C LEU C 23 16.99 6.35 1.71
N LYS C 24 18.30 6.57 1.84
CA LYS C 24 19.21 6.57 0.69
C LYS C 24 19.33 5.22 0.00
N SER C 25 19.17 4.14 0.77
CA SER C 25 19.29 2.78 0.24
C SER C 25 18.11 2.39 -0.63
N VAL C 26 17.01 3.13 -0.54
CA VAL C 26 15.85 2.91 -1.41
C VAL C 26 15.66 4.05 -2.42
N GLY C 27 16.71 4.88 -2.55
CA GLY C 27 16.79 5.85 -3.62
C GLY C 27 16.56 7.30 -3.27
N ALA C 28 16.51 7.62 -1.97
CA ALA C 28 16.32 9.01 -1.54
C ALA C 28 17.57 9.85 -1.78
N GLN C 29 17.35 11.04 -2.34
CA GLN C 29 18.39 12.00 -2.67
C GLN C 29 17.95 13.38 -2.20
N LYS C 30 18.20 13.64 -0.92
CA LYS C 30 17.92 14.93 -0.27
C LYS C 30 18.38 14.85 1.19
N ASP C 31 18.56 16.00 1.83
CA ASP C 31 18.83 16.01 3.27
C ASP C 31 17.63 16.39 4.10
N THR C 32 16.68 17.08 3.48
CA THR C 32 15.43 17.40 4.14
C THR C 32 14.27 16.82 3.35
N TYR C 33 13.25 16.36 4.08
CA TYR C 33 12.10 15.71 3.48
C TYR C 33 10.86 16.19 4.20
N THR C 34 9.72 16.13 3.53
CA THR C 34 8.45 16.21 4.23
C THR C 34 8.17 14.82 4.83
N MET C 35 7.23 14.72 5.76
CA MET C 35 6.90 13.41 6.34
C MET C 35 6.38 12.48 5.24
N LYS C 36 5.55 13.02 4.36
CA LYS C 36 5.05 12.32 3.18
C LYS C 36 6.12 11.48 2.51
N GLU C 37 7.27 12.11 2.24
CA GLU C 37 8.38 11.50 1.52
C GLU C 37 9.10 10.47 2.36
N VAL C 38 9.31 10.75 3.64
CA VAL C 38 9.95 9.80 4.57
C VAL C 38 9.14 8.50 4.62
N LEU C 39 7.82 8.63 4.76
CA LEU C 39 6.94 7.48 4.85
C LEU C 39 6.86 6.73 3.54
N PHE C 40 6.85 7.44 2.41
CA PHE C 40 6.90 6.75 1.12
C PHE C 40 8.12 5.83 1.07
N TYR C 41 9.28 6.38 1.39
CA TYR C 41 10.54 5.64 1.35
C TYR C 41 10.59 4.47 2.35
N LEU C 42 10.07 4.67 3.55
CA LEU C 42 9.97 3.57 4.51
C LEU C 42 9.11 2.46 3.94
N GLY C 43 8.00 2.84 3.32
CA GLY C 43 7.12 1.91 2.63
C GLY C 43 7.80 1.08 1.55
N GLN C 44 8.64 1.73 0.75
CA GLN C 44 9.42 1.05 -0.28
C GLN C 44 10.43 0.07 0.33
N TYR C 45 11.06 0.48 1.42
CA TYR C 45 11.99 -0.39 2.16
C TYR C 45 11.31 -1.69 2.63
N ILE C 46 10.16 -1.55 3.30
CA ILE C 46 9.37 -2.70 3.77
C ILE C 46 9.02 -3.67 2.63
N MET C 47 8.60 -3.11 1.50
CA MET C 47 8.27 -3.86 0.31
C MET C 47 9.48 -4.53 -0.32
N THR C 48 10.59 -3.82 -0.39
CA THR C 48 11.78 -4.31 -1.08
C THR C 48 12.38 -5.52 -0.35
N LYS C 49 12.41 -5.41 0.98
CA LYS C 49 12.95 -6.47 1.82
C LYS C 49 11.90 -7.54 2.19
N ARG C 50 10.66 -7.32 1.78
CA ARG C 50 9.52 -8.23 2.06
C ARG C 50 9.32 -8.49 3.56
N LEU C 51 9.39 -7.44 4.38
CA LEU C 51 9.35 -7.59 5.83
C LEU C 51 7.99 -8.01 6.42
N TYR C 52 6.96 -8.09 5.59
CA TYR C 52 5.60 -8.27 6.08
C TYR C 52 5.17 -9.74 6.19
N ASP C 53 4.18 -9.99 7.05
CA ASP C 53 3.60 -11.31 7.19
C ASP C 53 2.89 -11.69 5.89
N GLU C 54 3.16 -12.89 5.41
CA GLU C 54 2.66 -13.31 4.12
C GLU C 54 1.12 -13.55 4.11
N LYS C 55 0.57 -13.87 5.28
CA LYS C 55 -0.88 -14.07 5.45
C LYS C 55 -1.63 -12.80 5.85
N GLN C 56 -1.19 -12.17 6.93
CA GLN C 56 -1.79 -10.92 7.39
C GLN C 56 -0.81 -9.81 7.08
N GLN C 57 -0.97 -9.19 5.92
CA GLN C 57 0.07 -8.39 5.30
C GLN C 57 0.20 -6.96 5.87
N HIS C 58 -0.63 -6.66 6.88
CA HIS C 58 -0.53 -5.40 7.60
C HIS C 58 0.45 -5.48 8.77
N ILE C 59 0.98 -6.67 9.03
CA ILE C 59 1.96 -6.89 10.09
C ILE C 59 3.37 -6.87 9.51
N VAL C 60 4.27 -6.14 10.16
CA VAL C 60 5.64 -6.01 9.68
C VAL C 60 6.63 -6.63 10.68
N TYR C 61 7.53 -7.48 10.18
CA TYR C 61 8.58 -8.06 11.02
C TYR C 61 9.92 -7.40 10.73
N CYS C 62 10.42 -6.65 11.70
CA CYS C 62 11.60 -5.83 11.44
C CYS C 62 12.73 -5.99 12.47
N SER C 63 12.74 -7.09 13.21
CA SER C 63 13.84 -7.38 14.15
C SER C 63 15.15 -7.63 13.39
N ASN C 64 16.27 -7.40 14.07
CA ASN C 64 17.59 -7.51 13.46
C ASN C 64 17.67 -6.82 12.10
N ASP C 65 17.08 -5.63 12.03
CA ASP C 65 17.04 -4.85 10.80
C ASP C 65 17.16 -3.38 11.14
N LEU C 66 17.61 -2.59 10.17
CA LEU C 66 17.77 -1.14 10.33
C LEU C 66 16.49 -0.53 10.87
N LEU C 67 15.37 -0.81 10.19
CA LEU C 67 14.05 -0.41 10.63
C LEU C 67 13.80 -0.80 12.09
N GLY C 68 14.20 -2.02 12.46
CA GLY C 68 14.10 -2.48 13.85
C GLY C 68 14.89 -1.60 14.82
N ASP C 69 16.12 -1.23 14.42
CA ASP C 69 16.94 -0.29 15.21
C ASP C 69 16.32 1.11 15.29
N LEU C 70 15.59 1.50 14.26
CA LEU C 70 14.98 2.84 14.23
C LEU C 70 13.77 2.95 15.14
N PHE C 71 12.93 1.93 15.07
CA PHE C 71 11.59 1.95 15.64
C PHE C 71 11.55 1.37 17.04
N GLY C 72 12.51 0.48 17.34
CA GLY C 72 12.64 -0.12 18.66
C GLY C 72 11.60 -1.19 19.00
N VAL C 73 10.99 -1.76 17.95
CA VAL C 73 10.06 -2.90 18.09
C VAL C 73 10.46 -4.01 17.09
N PRO C 74 10.14 -5.29 17.41
CA PRO C 74 10.38 -6.39 16.47
C PRO C 74 9.24 -6.62 15.45
N SER C 75 8.08 -5.98 15.69
CA SER C 75 6.94 -6.04 14.76
C SER C 75 5.91 -5.00 15.14
N PHE C 76 5.08 -4.63 14.17
CA PHE C 76 4.00 -3.67 14.37
C PHE C 76 3.00 -3.80 13.24
N SER C 77 1.86 -3.12 13.39
CA SER C 77 0.80 -3.08 12.37
C SER C 77 0.91 -1.79 11.60
N VAL C 78 0.88 -1.88 10.27
CA VAL C 78 1.00 -0.69 9.41
C VAL C 78 -0.20 0.25 9.53
N LYS C 79 -1.21 -0.20 10.25
CA LYS C 79 -2.47 0.52 10.39
C LYS C 79 -2.51 1.47 11.58
N GLU C 80 -1.55 1.33 12.48
CA GLU C 80 -1.45 2.21 13.64
C GLU C 80 -0.59 3.42 13.27
N HIS C 81 -1.23 4.38 12.61
CA HIS C 81 -0.54 5.54 12.04
C HIS C 81 0.14 6.45 13.04
N ARG C 82 -0.55 6.81 14.13
CA ARG C 82 0.00 7.70 15.16
C ARG C 82 1.20 7.08 15.84
N LYS C 83 1.15 5.78 16.08
CA LYS C 83 2.23 5.03 16.68
C LYS C 83 3.45 5.03 15.74
N ILE C 84 3.18 4.86 14.46
CA ILE C 84 4.22 4.91 13.44
C ILE C 84 4.88 6.29 13.42
N TYR C 85 4.07 7.34 13.40
CA TYR C 85 4.58 8.72 13.46
C TYR C 85 5.44 9.01 14.68
N THR C 86 4.96 8.61 15.86
CA THR C 86 5.72 8.68 17.12
C THR C 86 7.08 7.99 17.03
N MET C 87 7.09 6.75 16.53
CA MET C 87 8.32 5.99 16.33
C MET C 87 9.28 6.65 15.31
N ILE C 88 8.73 7.29 14.28
CA ILE C 88 9.57 8.01 13.31
C ILE C 88 10.16 9.30 13.90
N TYR C 89 9.39 9.98 14.76
CA TYR C 89 9.81 11.27 15.31
C TYR C 89 11.08 11.18 16.18
N ARG C 90 11.36 9.99 16.70
CA ARG C 90 12.56 9.69 17.48
C ARG C 90 13.84 9.76 16.62
N ASN C 91 13.65 9.70 15.30
CA ASN C 91 14.74 9.50 14.33
C ASN C 91 15.04 10.70 13.42
N LEU C 92 14.50 11.85 13.77
CA LEU C 92 14.70 13.05 12.97
C LEU C 92 14.59 14.31 13.81
N VAL C 93 14.89 15.44 13.16
CA VAL C 93 14.68 16.78 13.69
C VAL C 93 13.81 17.59 12.74
N VAL C 94 12.74 18.19 13.28
CA VAL C 94 11.96 19.19 12.57
C VAL C 94 12.84 20.42 12.24
N VAL C 95 12.87 20.78 10.96
CA VAL C 95 13.73 21.85 10.44
C VAL C 95 13.26 23.23 10.91
N GLN D 3 -11.49 24.17 15.11
CA GLN D 3 -10.53 23.96 13.98
C GLN D 3 -10.10 22.50 13.85
N ILE D 4 -9.67 21.91 14.96
CA ILE D 4 -9.19 20.53 15.02
C ILE D 4 -10.38 19.58 15.06
N PRO D 5 -10.36 18.51 14.23
CA PRO D 5 -11.45 17.53 14.28
C PRO D 5 -11.71 17.14 15.72
N ALA D 6 -12.95 17.31 16.16
CA ALA D 6 -13.30 17.05 17.57
C ALA D 6 -13.16 15.57 17.96
N SER D 7 -12.79 14.75 16.99
CA SER D 7 -12.36 13.38 17.25
C SER D 7 -10.93 13.36 17.79
N GLU D 8 -10.05 14.09 17.10
CA GLU D 8 -8.61 14.10 17.39
C GLU D 8 -8.29 14.39 18.86
N GLN D 9 -9.14 15.19 19.48
CA GLN D 9 -9.00 15.61 20.87
C GLN D 9 -9.04 14.44 21.87
N GLU D 10 -9.64 13.33 21.46
CA GLU D 10 -9.77 12.13 22.30
C GLU D 10 -8.58 11.17 22.22
N THR D 11 -7.64 11.46 21.32
CA THR D 11 -6.49 10.59 21.12
C THR D 11 -5.71 10.36 22.43
N LEU D 12 -5.55 9.09 22.78
CA LEU D 12 -4.77 8.71 23.95
C LEU D 12 -3.27 8.77 23.68
N VAL D 13 -2.58 9.63 24.41
CA VAL D 13 -1.14 9.79 24.21
C VAL D 13 -0.33 9.48 25.47
N ARG D 14 0.92 9.09 25.26
CA ARG D 14 1.87 8.88 26.34
C ARG D 14 3.03 9.88 26.18
N PRO D 15 3.00 10.97 26.97
CA PRO D 15 4.05 12.01 26.88
C PRO D 15 5.43 11.53 27.28
N LYS D 16 6.45 12.14 26.68
CA LYS D 16 7.86 11.91 27.04
C LYS D 16 8.18 12.51 28.41
N PRO D 17 9.28 12.04 29.06
CA PRO D 17 9.74 12.53 30.37
C PRO D 17 9.69 14.05 30.55
N GLU D 18 10.12 14.78 29.52
CA GLU D 18 10.18 16.25 29.55
C GLU D 18 8.79 16.87 29.56
N LEU D 19 7.93 16.39 28.67
CA LEU D 19 6.55 16.84 28.62
C LEU D 19 5.80 16.42 29.88
N LEU D 20 6.01 15.18 30.33
CA LEU D 20 5.35 14.65 31.54
C LEU D 20 5.66 15.45 32.80
N LYS D 21 6.90 15.91 32.92
CA LYS D 21 7.33 16.78 34.02
C LYS D 21 6.57 18.12 34.01
N LEU D 22 6.42 18.70 32.83
CA LEU D 22 5.67 19.95 32.67
C LEU D 22 4.22 19.84 33.19
N LEU D 23 3.52 18.77 32.79
CA LEU D 23 2.14 18.56 33.22
C LEU D 23 2.00 18.34 34.73
N LYS D 24 2.92 17.58 35.32
CA LYS D 24 2.90 17.28 36.76
C LYS D 24 3.15 18.49 37.65
N SER D 25 3.92 19.45 37.13
CA SER D 25 4.14 20.72 37.83
C SER D 25 2.86 21.55 37.90
N VAL D 26 1.83 21.13 37.18
CA VAL D 26 0.50 21.74 37.28
C VAL D 26 -0.58 20.75 37.72
N GLY D 27 -0.15 19.73 38.46
CA GLY D 27 -1.08 18.87 39.18
C GLY D 27 -1.60 17.66 38.44
N ALA D 28 -0.98 17.32 37.31
CA ALA D 28 -1.34 16.10 36.60
C ALA D 28 -0.72 14.89 37.31
N GLN D 29 -1.47 13.79 37.38
CA GLN D 29 -1.07 12.62 38.18
C GLN D 29 -0.85 11.35 37.35
N LYS D 30 -1.57 11.23 36.25
CA LYS D 30 -1.53 10.04 35.38
C LYS D 30 -0.27 10.00 34.50
N ASP D 31 -0.07 8.85 33.85
CA ASP D 31 1.07 8.64 32.94
C ASP D 31 0.66 8.64 31.46
N THR D 32 -0.65 8.53 31.19
CA THR D 32 -1.20 8.62 29.83
C THR D 32 -2.40 9.57 29.81
N TYR D 33 -2.68 10.19 28.66
CA TYR D 33 -3.67 11.27 28.56
C TYR D 33 -4.37 11.37 27.20
N THR D 34 -5.60 11.88 27.22
CA THR D 34 -6.21 12.33 25.98
C THR D 34 -5.52 13.64 25.56
N MET D 35 -5.63 14.00 24.29
CA MET D 35 -5.07 15.26 23.82
C MET D 35 -5.71 16.45 24.53
N LYS D 36 -7.00 16.31 24.88
CA LYS D 36 -7.78 17.23 25.73
C LYS D 36 -7.12 17.57 27.06
N GLU D 37 -6.70 16.54 27.79
CA GLU D 37 -6.06 16.68 29.10
C GLU D 37 -4.73 17.40 28.96
N VAL D 38 -3.88 16.90 28.06
CA VAL D 38 -2.58 17.55 27.81
C VAL D 38 -2.78 19.05 27.60
N LEU D 39 -3.68 19.40 26.69
CA LEU D 39 -3.97 20.81 26.39
C LEU D 39 -4.39 21.62 27.61
N PHE D 40 -5.30 21.09 28.41
CA PHE D 40 -5.75 21.82 29.60
C PHE D 40 -4.55 22.15 30.50
N TYR D 41 -3.74 21.13 30.78
CA TYR D 41 -2.56 21.28 31.60
C TYR D 41 -1.53 22.26 31.01
N LEU D 42 -1.26 22.16 29.71
CA LEU D 42 -0.37 23.14 29.05
C LEU D 42 -0.84 24.56 29.24
N GLY D 43 -2.14 24.80 29.06
CA GLY D 43 -2.74 26.10 29.28
C GLY D 43 -2.56 26.63 30.69
N GLN D 44 -2.69 25.76 31.68
CA GLN D 44 -2.56 26.17 33.09
C GLN D 44 -1.12 26.53 33.42
N TYR D 45 -0.19 25.84 32.76
CA TYR D 45 1.23 26.12 32.88
C TYR D 45 1.55 27.52 32.37
N ILE D 46 1.06 27.84 31.17
CA ILE D 46 1.26 29.15 30.56
C ILE D 46 0.63 30.23 31.42
N MET D 47 -0.53 29.92 31.99
CA MET D 47 -1.30 30.82 32.81
C MET D 47 -0.62 31.09 34.16
N THR D 48 -0.05 30.03 34.75
CA THR D 48 0.63 30.10 36.05
C THR D 48 1.92 30.89 35.95
N LYS D 49 2.67 30.64 34.88
CA LYS D 49 3.99 31.24 34.68
C LYS D 49 3.90 32.59 33.96
N ARG D 50 2.69 32.95 33.53
CA ARG D 50 2.42 34.25 32.91
C ARG D 50 3.29 34.42 31.67
N LEU D 51 3.26 33.41 30.81
CA LEU D 51 4.11 33.36 29.63
C LEU D 51 3.58 34.19 28.46
N TYR D 52 2.40 34.77 28.60
CA TYR D 52 1.74 35.49 27.50
C TYR D 52 2.03 37.00 27.43
N ASP D 53 1.99 37.56 26.21
CA ASP D 53 2.13 39.00 26.01
C ASP D 53 0.94 39.77 26.59
N GLU D 54 1.23 40.83 27.32
CA GLU D 54 0.21 41.56 28.09
C GLU D 54 -0.65 42.48 27.21
N LYS D 55 -0.10 42.90 26.07
CA LYS D 55 -0.86 43.67 25.07
C LYS D 55 -1.65 42.76 24.11
N GLN D 56 -0.96 41.83 23.46
CA GLN D 56 -1.62 40.82 22.62
C GLN D 56 -1.48 39.45 23.29
N GLN D 57 -2.48 39.11 24.08
CA GLN D 57 -2.39 37.96 24.99
C GLN D 57 -2.60 36.59 24.34
N HIS D 58 -2.71 36.56 23.02
CA HIS D 58 -2.73 35.30 22.30
C HIS D 58 -1.31 34.87 21.94
N ILE D 59 -0.33 35.71 22.28
CA ILE D 59 1.08 35.44 22.00
C ILE D 59 1.80 34.99 23.27
N VAL D 60 2.56 33.91 23.15
CA VAL D 60 3.34 33.34 24.25
C VAL D 60 4.85 33.46 24.01
N TYR D 61 5.59 33.71 25.09
CA TYR D 61 7.07 33.65 25.08
C TYR D 61 7.58 32.49 25.94
N CYS D 62 8.34 31.58 25.34
CA CYS D 62 8.73 30.34 26.02
C CYS D 62 10.22 29.99 26.09
N SER D 63 11.08 30.79 25.46
CA SER D 63 12.53 30.52 25.45
C SER D 63 13.10 30.33 26.84
N ASN D 64 14.17 29.53 26.94
CA ASN D 64 14.86 29.23 28.22
C ASN D 64 13.86 28.85 29.33
N ASP D 65 12.99 27.91 28.96
CA ASP D 65 11.95 27.38 29.82
C ASP D 65 11.73 26.00 29.23
N LEU D 66 11.16 25.11 30.04
CA LEU D 66 10.86 23.74 29.63
C LEU D 66 9.93 23.70 28.41
N LEU D 67 8.90 24.54 28.39
CA LEU D 67 7.96 24.60 27.27
C LEU D 67 8.63 24.94 25.93
N GLY D 68 9.59 25.87 25.96
CA GLY D 68 10.31 26.27 24.76
C GLY D 68 11.18 25.14 24.21
N ASP D 69 11.73 24.34 25.12
CA ASP D 69 12.51 23.17 24.74
C ASP D 69 11.65 22.12 24.04
N LEU D 70 10.38 22.04 24.45
CA LEU D 70 9.39 21.15 23.82
C LEU D 70 8.99 21.66 22.44
N PHE D 71 8.56 22.91 22.38
CA PHE D 71 8.03 23.50 21.16
C PHE D 71 9.11 23.88 20.14
N GLY D 72 10.31 24.15 20.63
CA GLY D 72 11.44 24.46 19.75
C GLY D 72 11.34 25.85 19.13
N VAL D 73 10.40 26.66 19.63
CA VAL D 73 10.27 28.07 19.23
C VAL D 73 10.31 28.99 20.48
N PRO D 74 10.83 30.22 20.31
CA PRO D 74 10.83 31.16 21.45
C PRO D 74 9.52 31.96 21.60
N SER D 75 8.63 31.84 20.62
CA SER D 75 7.34 32.51 20.65
C SER D 75 6.38 31.83 19.66
N PHE D 76 5.09 31.86 19.97
CA PHE D 76 4.05 31.33 19.08
C PHE D 76 2.69 31.95 19.44
N SER D 77 1.70 31.82 18.55
CA SER D 77 0.32 32.20 18.88
C SER D 77 -0.51 31.01 19.36
N VAL D 78 -1.33 31.23 20.38
CA VAL D 78 -2.26 30.20 20.86
C VAL D 78 -3.44 29.96 19.89
N LYS D 79 -3.56 30.79 18.87
CA LYS D 79 -4.62 30.64 17.84
C LYS D 79 -4.23 29.63 16.77
N GLU D 80 -2.95 29.28 16.70
CA GLU D 80 -2.42 28.36 15.69
C GLU D 80 -2.57 26.93 16.20
N HIS D 81 -3.77 26.39 16.10
CA HIS D 81 -4.08 25.14 16.78
C HIS D 81 -3.33 23.91 16.26
N ARG D 82 -3.27 23.74 14.94
CA ARG D 82 -2.59 22.59 14.36
C ARG D 82 -1.12 22.55 14.76
N LYS D 83 -0.49 23.72 14.82
CA LYS D 83 0.92 23.83 15.19
C LYS D 83 1.16 23.39 16.65
N ILE D 84 0.23 23.71 17.54
CA ILE D 84 0.35 23.27 18.94
C ILE D 84 0.18 21.76 19.08
N TYR D 85 -0.81 21.21 18.39
CA TYR D 85 -1.07 19.78 18.34
C TYR D 85 0.14 19.01 17.83
N THR D 86 0.68 19.47 16.72
CA THR D 86 1.88 18.90 16.09
C THR D 86 3.06 18.89 17.05
N MET D 87 3.23 20.00 17.77
CA MET D 87 4.30 20.10 18.77
C MET D 87 4.15 19.03 19.85
N ILE D 88 2.92 18.77 20.25
CA ILE D 88 2.65 17.73 21.25
C ILE D 88 2.94 16.34 20.69
N TYR D 89 2.47 16.08 19.46
CA TYR D 89 2.70 14.80 18.79
C TYR D 89 4.18 14.47 18.61
N ARG D 90 5.00 15.52 18.65
CA ARG D 90 6.45 15.43 18.48
C ARG D 90 7.12 15.09 19.81
N ASN D 91 6.33 15.04 20.89
CA ASN D 91 6.89 14.84 22.23
C ASN D 91 6.26 13.67 22.98
N LEU D 92 5.92 12.61 22.25
CA LEU D 92 5.35 11.38 22.81
C LEU D 92 6.21 10.16 22.47
CL1 2V8 E . -5.71 -1.05 -9.02
C2 2V8 E . -6.51 -0.01 -10.19
C3 2V8 E . -5.85 1.08 -10.78
C5 2V8 E . -6.50 1.91 -11.72
C6 2V8 E . -7.83 1.63 -12.09
C7 2V8 E . -8.49 0.55 -11.49
C9 2V8 E . -7.84 -0.26 -10.55
C11 2V8 E . -8.60 2.46 -13.10
N15 2V8 E . -5.73 2.92 -12.23
C16 2V8 E . -5.39 4.04 -11.63
N17 2V8 E . -4.64 4.70 -12.37
C18 2V8 E . -4.40 3.98 -13.58
C19 2V8 E . -5.10 2.86 -13.38
C20 2V8 E . -5.27 1.73 -14.36
C21 2V8 E . -4.95 0.41 -14.04
C23 2V8 E . -5.19 -0.58 -15.00
C24 2V8 E . -5.75 -0.29 -16.25
C26 2V8 E . -6.08 1.04 -16.55
C28 2V8 E . -5.85 2.03 -15.60
CL2 2V8 E . -4.75 -2.20 -14.59
C31 2V8 E . -3.54 4.43 -14.68
O32 2V8 E . -3.34 3.69 -15.62
O33 2V8 E . -2.94 5.60 -14.62
C35 2V8 E . -5.85 4.58 -10.30
C36 2V8 E . -4.94 5.04 -9.34
C38 2V8 E . -5.39 5.56 -8.12
C39 2V8 E . -6.76 5.64 -7.86
C41 2V8 E . -7.68 5.21 -8.82
C43 2V8 E . -7.23 4.68 -10.03
C45 2V8 E . -4.38 6.02 -7.08
CL1 2V8 F . -1.96 -23.08 -28.86
C2 2V8 F . -0.34 -22.86 -29.47
C3 2V8 F . -0.11 -22.77 -30.85
C5 2V8 F . 1.20 -22.61 -31.39
C6 2V8 F . 2.27 -22.48 -30.51
C7 2V8 F . 2.03 -22.58 -29.12
C9 2V8 F . 0.74 -22.76 -28.60
C11 2V8 F . 3.70 -22.28 -30.98
N15 2V8 F . 1.23 -22.52 -32.76
C16 2V8 F . 1.05 -23.48 -33.62
N17 2V8 F . 1.09 -23.02 -34.79
C18 2V8 F . 1.28 -21.60 -34.76
C19 2V8 F . 1.32 -21.37 -33.42
C20 2V8 F . 1.57 -20.04 -32.76
C21 2V8 F . 0.75 -19.51 -31.75
C23 2V8 F . 1.09 -18.29 -31.15
C24 2V8 F . 2.25 -17.58 -31.52
C26 2V8 F . 3.08 -18.12 -32.51
C28 2V8 F . 2.74 -19.35 -33.11
CL2 2V8 F . 0.03 -17.67 -29.93
C31 2V8 F . 1.34 -20.76 -35.95
O32 2V8 F . 1.28 -19.55 -35.84
O33 2V8 F . 1.36 -21.36 -37.14
C35 2V8 F . 0.90 -24.97 -33.40
C36 2V8 F . -0.08 -25.69 -34.11
C38 2V8 F . -0.22 -27.06 -33.91
C39 2V8 F . 0.63 -27.73 -33.02
C41 2V8 F . 1.63 -27.02 -32.32
C43 2V8 F . 1.75 -25.65 -32.53
C45 2V8 F . -1.31 -27.82 -34.67
CL1 2V8 G . 5.77 1.57 8.50
C2 2V8 G . 5.02 2.25 7.05
C3 2V8 G . 3.78 1.78 6.58
C5 2V8 G . 3.18 2.30 5.42
C6 2V8 G . 3.84 3.34 4.72
C7 2V8 G . 5.08 3.78 5.21
C9 2V8 G . 5.67 3.25 6.36
C11 2V8 G . 3.30 4.02 3.46
N15 2V8 G . 1.96 1.75 5.11
C16 2V8 G . 1.70 0.58 4.57
N17 2V8 G . 0.47 0.42 4.50
C18 2V8 G . -0.21 1.55 5.05
C19 2V8 G . 0.83 2.33 5.44
C20 2V8 G . 0.77 3.71 6.04
C21 2V8 G . 1.37 4.06 7.26
C23 2V8 G . 1.29 5.39 7.69
C24 2V8 G . 0.65 6.37 6.92
C26 2V8 G . 0.06 6.03 5.70
C28 2V8 G . 0.15 4.70 5.26
CL2 2V8 G . 1.99 5.85 9.21
C31 2V8 G . -1.68 1.66 5.15
O32 2V8 G . -2.40 0.78 4.46
O33 2V8 G . -2.19 2.52 5.87
C35 2V8 G . 2.62 -0.48 4.01
C36 2V8 G . 2.38 -1.83 4.26
C38 2V8 G . 3.24 -2.81 3.73
C39 2V8 G . 4.32 -2.44 2.91
C41 2V8 G . 4.56 -1.08 2.65
C43 2V8 G . 3.70 -0.11 3.19
C45 2V8 G . 2.99 -4.29 4.02
CL1 2V8 H . -0.31 26.56 24.01
C2 2V8 H . -1.95 26.27 24.56
C3 2V8 H . -2.96 27.21 24.33
C5 2V8 H . -4.29 27.02 24.77
C6 2V8 H . -4.58 25.82 25.46
C7 2V8 H . -3.56 24.89 25.69
C9 2V8 H . -2.25 25.10 25.25
C11 2V8 H . -5.97 25.46 25.98
N15 2V8 H . -5.14 28.04 24.42
C16 2V8 H . -5.14 29.24 24.92
N17 2V8 H . -6.00 29.94 24.32
C18 2V8 H . -6.62 29.17 23.27
C19 2V8 H . -5.97 28.00 23.39
C20 2V8 H . -6.23 26.73 22.63
C21 2V8 H . -5.23 25.99 21.96
C23 2V8 H . -5.57 24.79 21.34
C24 2V8 H . -6.87 24.28 21.37
C26 2V8 H . -7.87 25.01 22.05
C28 2V8 H . -7.53 26.20 22.69
CL2 2V8 H . -4.32 23.91 20.50
C31 2V8 H . -7.64 29.73 22.35
O32 2V8 H . -8.03 29.10 21.38
O33 2V8 H . -8.08 30.98 22.57
C35 2V8 H . -4.39 29.82 26.09
C36 2V8 H . -3.67 31.03 26.01
C38 2V8 H . -3.00 31.54 27.15
C39 2V8 H . -3.05 30.84 28.35
C41 2V8 H . -3.77 29.65 28.45
C43 2V8 H . -4.44 29.15 27.33
C45 2V8 H . -2.19 32.84 27.05
#